data_3NCO
#
_entry.id   3NCO
#
_cell.length_a   81.966
_cell.length_b   85.769
_cell.length_c   107.443
_cell.angle_alpha   90.00
_cell.angle_beta   90.00
_cell.angle_gamma   90.00
#
_symmetry.space_group_name_H-M   'P 21 21 21'
#
loop_
_entity.id
_entity.type
_entity.pdbx_description
1 polymer 'Endoglucanase FnCel5A'
2 polymer 'peptide (ALA)(ASN)(GLU)'
3 polymer 'peptide (ALA)(ASP)(GLN)'
4 non-polymer 'PHOSPHATE ION'
5 water water
#
loop_
_entity_poly.entity_id
_entity_poly.type
_entity_poly.pdbx_seq_one_letter_code
_entity_poly.pdbx_strand_id
1 'polypeptide(L)'
;(MSE)DQSVSNVDKSSAFEYNK(MSE)IGHGIN(MSE)GNALEAPVEGSWGVYIEDEYFKIIKERGFDSVRIPIRWSAHI
SEKYPYEIDKFFLDRVKHVVDVALKNDLVVIINCHHFEELYQAPDKYGPVLVEIWKQVAQAFKDYPDKLFFEIFNEPAQN
LTPTKWNELYPKVLGEIRKTNPSRIVIIDVPNWSNYSYVRELKLVDDKNIIVSFHYYEPFNFTHQGAEWVSPTLPIGVKW
EGKDWEVEQIRNHFKYVSEWAKKNNVPIFLGEFGAYSKAD(MSE)ESRVKWTKTVRRIAEEFGFSLAYWEFCAGFGLYDR
WTKTWIEPLTTSALGK
;
A,B
2 'polypeptide(L)' ANE D
3 'polypeptide(L)' ADQ E
#
# COMPACT_ATOMS: atom_id res chain seq x y z
N VAL A 8 -37.47 -18.19 10.29
CA VAL A 8 -36.42 -17.18 10.74
C VAL A 8 -35.16 -17.83 11.35
N ASP A 9 -34.81 -18.95 10.74
CA ASP A 9 -33.43 -19.31 10.50
C ASP A 9 -32.69 -18.04 10.03
N LYS A 10 -31.47 -17.85 10.58
CA LYS A 10 -30.62 -16.67 10.43
C LYS A 10 -29.19 -17.22 10.52
N SER A 11 -28.22 -16.63 9.83
CA SER A 11 -26.84 -17.05 9.97
C SER A 11 -26.24 -16.68 11.35
N SER A 12 -25.66 -17.68 12.02
CA SER A 12 -25.09 -17.49 13.35
C SER A 12 -24.00 -16.43 13.34
N ALA A 13 -23.09 -16.49 12.36
CA ALA A 13 -21.98 -15.51 12.34
C ALA A 13 -22.50 -14.08 12.25
N PHE A 14 -23.55 -13.89 11.45
CA PHE A 14 -24.11 -12.56 11.31
C PHE A 14 -24.73 -12.09 12.59
N GLU A 15 -25.33 -13.00 13.35
CA GLU A 15 -25.88 -12.63 14.64
C GLU A 15 -24.79 -12.32 15.68
N TYR A 16 -23.72 -13.12 15.68
CA TYR A 16 -22.59 -12.83 16.59
C TYR A 16 -21.95 -11.50 16.20
N ASN A 17 -21.88 -11.22 14.89
CA ASN A 17 -21.28 -9.91 14.47
C ASN A 17 -22.10 -8.74 15.01
N LYS A 18 -23.43 -8.91 15.05
CA LYS A 18 -24.31 -7.84 15.61
C LYS A 18 -24.06 -7.61 17.09
N ILE A 20 -21.12 -7.62 18.45
CA ILE A 20 -20.00 -6.66 18.54
C ILE A 20 -20.57 -5.24 18.63
N GLY A 21 -21.60 -4.97 17.85
CA GLY A 21 -22.28 -3.69 17.90
C GLY A 21 -21.38 -2.48 17.76
N HIS A 22 -21.45 -1.58 18.73
CA HIS A 22 -20.54 -0.46 18.79
C HIS A 22 -19.54 -0.66 19.92
N GLY A 23 -18.28 -0.85 19.51
CA GLY A 23 -17.23 -1.22 20.44
C GLY A 23 -16.12 -0.19 20.52
N ILE A 24 -15.12 -0.54 21.34
CA ILE A 24 -13.93 0.33 21.44
C ILE A 24 -12.68 -0.52 21.65
N ASN A 25 -11.53 -0.01 21.17
CA ASN A 25 -10.26 -0.68 21.34
C ASN A 25 -9.62 -0.21 22.62
N GLY A 27 -6.44 -0.10 23.59
CA GLY A 27 -5.12 -0.06 22.97
C GLY A 27 -4.02 0.71 23.71
N ASN A 28 -2.81 0.52 23.17
CA ASN A 28 -1.57 1.07 23.73
C ASN A 28 -1.21 0.45 25.06
N ALA A 29 -1.77 -0.74 25.35
CA ALA A 29 -1.58 -1.40 26.62
C ALA A 29 -0.91 -2.78 26.43
N LEU A 30 -1.70 -3.85 26.23
CA LEU A 30 -1.09 -5.18 26.17
C LEU A 30 -0.34 -5.43 24.86
N GLU A 31 -0.45 -4.55 23.88
CA GLU A 31 0.38 -4.69 22.65
C GLU A 31 1.69 -3.88 22.73
N ALA A 32 1.88 -3.14 23.84
CA ALA A 32 3.19 -2.57 24.14
C ALA A 32 4.17 -3.69 24.42
N PRO A 33 5.49 -3.43 24.38
CA PRO A 33 6.37 -4.56 24.71
C PRO A 33 6.13 -5.13 26.11
N VAL A 34 5.87 -4.21 27.05
CA VAL A 34 5.45 -4.54 28.42
C VAL A 34 4.26 -3.61 28.71
N GLU A 35 3.17 -4.17 29.27
CA GLU A 35 1.98 -3.32 29.48
C GLU A 35 2.37 -2.19 30.42
N GLY A 36 2.02 -0.98 29.99
CA GLY A 36 2.37 0.22 30.77
C GLY A 36 3.51 1.00 30.14
N SER A 37 4.32 0.34 29.32
CA SER A 37 5.50 1.04 28.83
C SER A 37 5.22 2.13 27.77
N TRP A 38 4.00 2.16 27.25
CA TRP A 38 3.56 3.20 26.36
C TRP A 38 2.63 4.16 27.08
N GLY A 39 2.52 4.02 28.40
CA GLY A 39 1.76 4.97 29.20
C GLY A 39 0.31 4.58 29.47
N VAL A 40 -0.07 3.38 29.04
CA VAL A 40 -1.42 2.89 29.30
C VAL A 40 -1.36 1.58 30.04
N TYR A 41 -2.18 1.45 31.08
CA TYR A 41 -2.18 0.20 31.83
C TYR A 41 -3.66 -0.04 32.13
N ILE A 42 -4.15 -1.23 31.80
CA ILE A 42 -5.61 -1.48 31.91
C ILE A 42 -6.06 -1.64 33.36
N GLU A 43 -6.90 -0.70 33.79
CA GLU A 43 -7.50 -0.73 35.11
C GLU A 43 -8.80 -1.49 35.01
N ASP A 44 -9.13 -2.27 36.06
CA ASP A 44 -10.39 -3.02 36.04
C ASP A 44 -11.56 -2.07 35.85
N GLU A 45 -11.47 -0.88 36.44
CA GLU A 45 -12.59 0.11 36.37
C GLU A 45 -12.88 0.53 34.92
N TYR A 46 -11.89 0.42 34.02
CA TYR A 46 -12.09 0.86 32.65
C TYR A 46 -13.28 0.14 32.00
N PHE A 47 -13.42 -1.15 32.33
CA PHE A 47 -14.51 -1.93 31.68
C PHE A 47 -15.91 -1.53 32.17
N LYS A 48 -16.01 -1.19 33.45
CA LYS A 48 -17.26 -0.68 34.00
C LYS A 48 -17.57 0.66 33.35
N ILE A 49 -16.55 1.49 33.17
CA ILE A 49 -16.69 2.82 32.50
C ILE A 49 -17.15 2.69 31.05
N ILE A 50 -16.49 1.81 30.33
CA ILE A 50 -16.87 1.54 28.96
C ILE A 50 -18.31 1.06 28.82
N LYS A 51 -18.69 0.10 29.66
CA LYS A 51 -20.05 -0.47 29.57
C LYS A 51 -21.04 0.61 29.94
N GLU A 52 -20.79 1.36 31.04
CA GLU A 52 -21.75 2.40 31.47
C GLU A 52 -22.02 3.41 30.37
N ARG A 53 -20.98 3.73 29.60
CA ARG A 53 -21.15 4.73 28.54
C ARG A 53 -22.01 4.23 27.40
N GLY A 54 -22.10 2.89 27.27
CA GLY A 54 -23.04 2.28 26.36
C GLY A 54 -22.39 1.51 25.20
N PHE A 55 -21.05 1.33 25.24
CA PHE A 55 -20.38 0.44 24.27
C PHE A 55 -20.84 -1.01 24.49
N ASP A 56 -20.86 -1.79 23.40
CA ASP A 56 -21.25 -3.21 23.51
C ASP A 56 -20.08 -4.15 23.69
N SER A 57 -18.89 -3.73 23.26
CA SER A 57 -17.77 -4.67 23.16
C SER A 57 -16.45 -3.94 23.27
N VAL A 58 -15.41 -4.72 23.56
CA VAL A 58 -14.07 -4.17 23.64
C VAL A 58 -13.14 -5.07 22.87
N ARG A 59 -12.24 -4.44 22.10
CA ARG A 59 -11.25 -5.18 21.36
C ARG A 59 -9.89 -4.94 22.07
N ILE A 60 -9.19 -6.03 22.40
CA ILE A 60 -7.95 -5.97 23.23
C ILE A 60 -6.74 -6.45 22.39
N PRO A 61 -5.92 -5.51 21.89
CA PRO A 61 -4.64 -5.77 21.23
C PRO A 61 -3.68 -6.44 22.25
N ILE A 62 -3.05 -7.55 21.83
CA ILE A 62 -2.12 -8.30 22.71
C ILE A 62 -0.85 -8.75 21.98
N ARG A 63 0.33 -8.37 22.49
CA ARG A 63 1.59 -8.74 21.83
C ARG A 63 2.08 -10.04 22.51
N TRP A 64 1.41 -11.13 22.20
CA TRP A 64 1.79 -12.42 22.72
C TRP A 64 3.24 -12.72 22.43
N SER A 65 3.72 -12.24 21.31
CA SER A 65 5.05 -12.66 20.92
C SER A 65 6.15 -12.11 21.82
N ALA A 66 5.80 -11.12 22.66
CA ALA A 66 6.76 -10.54 23.64
C ALA A 66 6.80 -11.31 24.97
N HIS A 67 6.12 -12.47 25.03
CA HIS A 67 5.92 -13.16 26.32
C HIS A 67 5.90 -14.65 26.12
N ILE A 68 6.81 -15.14 25.28
CA ILE A 68 6.90 -16.58 25.06
C ILE A 68 8.32 -17.03 25.19
N SER A 69 8.46 -18.33 25.43
CA SER A 69 9.74 -19.00 25.46
C SER A 69 10.45 -18.85 24.12
N GLU A 70 11.77 -18.88 24.17
CA GLU A 70 12.58 -18.64 22.99
C GLU A 70 12.62 -19.91 22.12
N LYS A 71 12.36 -21.05 22.72
CA LYS A 71 12.40 -22.23 21.91
C LYS A 71 11.09 -23.01 21.86
N TYR A 72 10.94 -23.76 20.77
CA TYR A 72 9.77 -24.60 20.51
C TYR A 72 9.40 -25.40 21.75
N PRO A 73 8.08 -25.51 22.08
CA PRO A 73 6.90 -24.96 21.39
C PRO A 73 6.43 -23.58 21.85
N TYR A 74 7.36 -22.77 22.35
CA TYR A 74 7.10 -21.32 22.59
C TYR A 74 6.02 -21.10 23.65
N GLU A 75 6.22 -21.70 24.81
CA GLU A 75 5.27 -21.57 25.91
C GLU A 75 5.07 -20.12 26.27
N ILE A 76 3.82 -19.69 26.39
CA ILE A 76 3.51 -18.37 26.88
C ILE A 76 3.86 -18.30 28.39
N ASP A 77 4.55 -17.22 28.76
CA ASP A 77 4.80 -16.93 30.17
C ASP A 77 3.50 -16.98 31.01
N LYS A 78 3.53 -17.76 32.09
CA LYS A 78 2.34 -17.94 32.93
C LYS A 78 1.76 -16.60 33.46
N PHE A 79 2.63 -15.73 33.91
CA PHE A 79 2.19 -14.46 34.48
C PHE A 79 1.41 -13.67 33.43
N PHE A 80 1.88 -13.72 32.18
CA PHE A 80 1.22 -12.92 31.12
C PHE A 80 -0.14 -13.53 30.71
N LEU A 81 -0.19 -14.86 30.57
CA LEU A 81 -1.44 -15.51 30.28
C LEU A 81 -2.43 -15.20 31.41
N ASP A 82 -1.95 -15.26 32.66
CA ASP A 82 -2.82 -14.97 33.81
C ASP A 82 -3.37 -13.55 33.75
N ARG A 83 -2.52 -12.63 33.35
CA ARG A 83 -2.93 -11.23 33.18
C ARG A 83 -4.04 -11.10 32.14
N VAL A 84 -3.80 -11.68 30.94
CA VAL A 84 -4.83 -11.58 29.89
C VAL A 84 -6.17 -12.22 30.37
N LYS A 85 -6.06 -13.37 31.04
CA LYS A 85 -7.27 -14.04 31.57
C LYS A 85 -7.96 -13.14 32.56
N HIS A 86 -7.19 -12.49 33.41
CA HIS A 86 -7.80 -11.54 34.35
C HIS A 86 -8.55 -10.42 33.61
N VAL A 87 -7.90 -9.87 32.58
CA VAL A 87 -8.50 -8.74 31.88
C VAL A 87 -9.77 -9.16 31.11
N VAL A 88 -9.73 -10.32 30.47
CA VAL A 88 -10.94 -10.87 29.82
C VAL A 88 -12.05 -11.13 30.83
N ASP A 89 -11.69 -11.68 31.99
CA ASP A 89 -12.66 -11.97 33.05
C ASP A 89 -13.41 -10.70 33.47
N VAL A 90 -12.65 -9.64 33.72
CA VAL A 90 -13.27 -8.38 34.15
C VAL A 90 -14.16 -7.81 33.05
N ALA A 91 -13.73 -7.88 31.80
CA ALA A 91 -14.60 -7.29 30.78
C ALA A 91 -15.91 -8.08 30.62
N LEU A 92 -15.83 -9.41 30.71
CA LEU A 92 -17.03 -10.27 30.64
C LEU A 92 -17.91 -10.04 31.86
N LYS A 93 -17.26 -9.75 32.98
CA LYS A 93 -18.00 -9.46 34.18
C LYS A 93 -18.88 -8.23 34.01
N ASN A 94 -18.40 -7.28 33.18
CA ASN A 94 -19.13 -6.03 32.93
C ASN A 94 -19.95 -6.14 31.64
N ASP A 95 -20.27 -7.38 31.26
CA ASP A 95 -21.24 -7.64 30.16
C ASP A 95 -20.82 -7.00 28.84
N LEU A 96 -19.52 -7.02 28.56
CA LEU A 96 -19.02 -6.61 27.23
C LEU A 96 -18.71 -7.85 26.43
N VAL A 97 -18.92 -7.79 25.08
CA VAL A 97 -18.36 -8.81 24.20
C VAL A 97 -16.87 -8.46 24.13
N VAL A 98 -16.02 -9.48 24.06
CA VAL A 98 -14.59 -9.21 24.15
C VAL A 98 -13.92 -9.88 22.96
N ILE A 99 -13.05 -9.11 22.26
CA ILE A 99 -12.28 -9.64 21.13
C ILE A 99 -10.82 -9.60 21.60
N ILE A 100 -10.15 -10.76 21.62
CA ILE A 100 -8.71 -10.77 21.94
C ILE A 100 -7.96 -11.19 20.65
N ASN A 101 -6.84 -10.52 20.36
CA ASN A 101 -6.18 -10.68 19.05
C ASN A 101 -4.70 -11.06 19.37
N CYS A 102 -3.89 -11.23 18.32
CA CYS A 102 -2.46 -11.05 18.46
C CYS A 102 -2.07 -9.85 17.59
N HIS A 103 -1.14 -9.04 18.10
CA HIS A 103 -0.90 -7.67 17.60
C HIS A 103 0.61 -7.40 17.72
N HIS A 104 1.12 -6.65 16.76
CA HIS A 104 2.51 -6.20 16.84
C HIS A 104 3.50 -7.38 16.97
N PHE A 105 3.44 -8.32 16.05
CA PHE A 105 4.44 -9.39 15.97
C PHE A 105 5.46 -9.01 14.85
N GLU A 106 6.48 -8.19 15.22
CA GLU A 106 7.37 -7.59 14.22
C GLU A 106 8.07 -8.65 13.36
N GLU A 107 8.51 -9.74 13.97
CA GLU A 107 9.22 -10.78 13.20
C GLU A 107 8.32 -11.48 12.17
N LEU A 108 7.04 -11.61 12.50
CA LEU A 108 6.06 -12.15 11.54
C LEU A 108 5.95 -11.30 10.26
N TYR A 109 5.97 -9.97 10.44
CA TYR A 109 5.93 -9.10 9.30
C TYR A 109 7.15 -9.25 8.43
N GLN A 110 8.27 -9.58 9.03
CA GLN A 110 9.54 -9.66 8.26
C GLN A 110 9.88 -11.02 7.69
N ALA A 111 9.59 -12.07 8.45
CA ALA A 111 9.92 -13.45 8.02
C ALA A 111 8.78 -14.39 8.34
N PRO A 112 7.65 -14.25 7.61
CA PRO A 112 6.48 -15.08 7.96
C PRO A 112 6.72 -16.58 7.78
N ASP A 113 7.63 -16.99 6.91
CA ASP A 113 7.87 -18.44 6.80
C ASP A 113 8.43 -18.97 8.12
N LYS A 114 9.22 -18.15 8.81
CA LYS A 114 9.87 -18.60 10.03
C LYS A 114 8.95 -18.42 11.23
N TYR A 115 8.23 -17.31 11.25
CA TYR A 115 7.44 -16.95 12.43
C TYR A 115 5.94 -17.25 12.38
N GLY A 116 5.45 -17.62 11.20
CA GLY A 116 4.07 -18.13 11.10
C GLY A 116 3.87 -19.35 12.00
N PRO A 117 4.80 -20.32 11.96
CA PRO A 117 4.66 -21.41 12.89
C PRO A 117 4.67 -21.01 14.35
N VAL A 118 5.27 -19.85 14.68
CA VAL A 118 5.27 -19.39 16.07
C VAL A 118 3.86 -18.87 16.39
N LEU A 119 3.25 -18.15 15.45
CA LEU A 119 1.87 -17.71 15.65
C LEU A 119 0.95 -18.91 15.82
N VAL A 120 1.19 -19.96 15.01
CA VAL A 120 0.34 -21.16 15.18
C VAL A 120 0.44 -21.68 16.64
N GLU A 121 1.66 -21.76 17.17
CA GLU A 121 1.85 -22.26 18.56
C GLU A 121 1.26 -21.32 19.60
N ILE A 122 1.38 -20.01 19.38
CA ILE A 122 0.71 -19.04 20.29
C ILE A 122 -0.77 -19.33 20.35
N TRP A 123 -1.39 -19.45 19.19
CA TRP A 123 -2.82 -19.66 19.14
C TRP A 123 -3.26 -21.03 19.67
N LYS A 124 -2.43 -22.05 19.48
CA LYS A 124 -2.78 -23.35 20.07
C LYS A 124 -2.94 -23.18 21.58
N GLN A 125 -2.03 -22.42 22.17
CA GLN A 125 -2.05 -22.18 23.60
C GLN A 125 -3.19 -21.25 24.06
N VAL A 126 -3.42 -20.16 23.37
CA VAL A 126 -4.46 -19.21 23.76
C VAL A 126 -5.83 -19.90 23.62
N ALA A 127 -6.03 -20.62 22.52
CA ALA A 127 -7.25 -21.39 22.36
C ALA A 127 -7.42 -22.42 23.47
N GLN A 128 -6.34 -23.12 23.83
CA GLN A 128 -6.49 -24.11 24.90
C GLN A 128 -6.90 -23.40 26.18
N ALA A 129 -6.26 -22.26 26.44
CA ALA A 129 -6.48 -21.56 27.73
C ALA A 129 -7.90 -21.02 27.85
N PHE A 130 -8.46 -20.57 26.72
CA PHE A 130 -9.79 -19.92 26.74
C PHE A 130 -10.93 -20.84 26.28
N LYS A 131 -10.64 -22.14 26.11
CA LYS A 131 -11.61 -23.01 25.42
C LYS A 131 -13.01 -23.04 26.03
N ASP A 132 -13.08 -22.89 27.35
CA ASP A 132 -14.34 -23.07 28.07
C ASP A 132 -15.00 -21.71 28.37
N TYR A 133 -14.41 -20.62 27.87
CA TYR A 133 -14.97 -19.29 28.09
C TYR A 133 -16.30 -19.14 27.34
N PRO A 134 -17.21 -18.30 27.86
CA PRO A 134 -18.50 -18.05 27.17
C PRO A 134 -18.31 -17.60 25.72
N ASP A 135 -19.35 -17.75 24.92
CA ASP A 135 -19.25 -17.45 23.48
C ASP A 135 -19.18 -15.94 23.16
N LYS A 136 -19.24 -15.09 24.20
CA LYS A 136 -19.14 -13.63 24.09
C LYS A 136 -17.66 -13.21 24.06
N LEU A 137 -16.76 -14.18 24.20
CA LEU A 137 -15.33 -13.99 23.87
C LEU A 137 -15.06 -14.49 22.44
N PHE A 138 -14.54 -13.59 21.60
CA PHE A 138 -14.15 -13.89 20.20
C PHE A 138 -12.63 -13.87 20.05
N PHE A 139 -12.08 -14.71 19.15
CA PHE A 139 -10.65 -14.65 18.87
C PHE A 139 -10.39 -13.88 17.58
N GLU A 140 -9.19 -13.31 17.43
CA GLU A 140 -8.84 -12.57 16.21
C GLU A 140 -7.40 -12.90 15.86
N ILE A 141 -7.19 -13.76 14.85
CA ILE A 141 -5.87 -14.38 14.63
C ILE A 141 -4.69 -13.42 14.60
N PHE A 142 -4.81 -12.36 13.79
CA PHE A 142 -3.70 -11.39 13.69
C PHE A 142 -4.18 -10.02 13.24
N ASN A 143 -3.59 -8.99 13.82
CA ASN A 143 -3.90 -7.61 13.45
C ASN A 143 -3.10 -7.18 12.23
N GLU A 144 -3.83 -6.69 11.22
CA GLU A 144 -3.13 -6.04 10.07
C GLU A 144 -1.95 -6.85 9.49
N PRO A 145 -2.25 -7.97 8.82
CA PRO A 145 -1.19 -8.59 8.09
C PRO A 145 -0.65 -7.55 7.14
N ALA A 146 0.67 -7.60 6.90
CA ALA A 146 1.33 -6.62 6.00
C ALA A 146 2.77 -6.94 5.74
N GLN A 147 3.43 -6.13 4.90
CA GLN A 147 4.85 -6.30 4.65
C GLN A 147 5.05 -7.66 4.03
N ASN A 148 5.93 -8.49 4.57
CA ASN A 148 6.25 -9.75 3.88
C ASN A 148 5.19 -10.83 4.11
N LEU A 149 4.34 -10.60 5.09
CA LEU A 149 3.11 -11.40 5.23
C LEU A 149 2.06 -10.86 4.27
N THR A 150 2.32 -11.19 2.99
CA THR A 150 1.54 -10.72 1.86
C THR A 150 0.15 -11.36 1.91
N PRO A 151 -0.82 -10.84 1.12
CA PRO A 151 -2.13 -11.51 1.05
C PRO A 151 -2.00 -13.01 0.79
N THR A 152 -1.11 -13.40 -0.11
CA THR A 152 -0.87 -14.83 -0.37
C THR A 152 -0.38 -15.61 0.84
N LYS A 153 0.62 -15.08 1.54
CA LYS A 153 1.17 -15.79 2.71
C LYS A 153 0.13 -15.84 3.79
N TRP A 154 -0.63 -14.75 3.93
CA TRP A 154 -1.66 -14.74 4.94
C TRP A 154 -2.75 -15.73 4.63
N ASN A 155 -3.12 -15.86 3.37
CA ASN A 155 -4.17 -16.76 2.99
C ASN A 155 -3.72 -18.18 3.30
N GLU A 156 -2.41 -18.39 3.27
CA GLU A 156 -1.83 -19.71 3.58
C GLU A 156 -1.73 -19.97 5.07
N LEU A 157 -1.37 -18.91 5.82
CA LEU A 157 -1.13 -19.01 7.23
C LEU A 157 -2.37 -19.09 8.15
N TYR A 158 -3.31 -18.13 7.96
CA TYR A 158 -4.42 -18.04 8.88
C TYR A 158 -5.23 -19.34 8.97
N PRO A 159 -5.42 -20.10 7.82
CA PRO A 159 -6.13 -21.38 8.01
C PRO A 159 -5.36 -22.37 8.87
N LYS A 160 -4.02 -22.32 8.89
CA LYS A 160 -3.30 -23.24 9.79
C LYS A 160 -3.57 -22.85 11.23
N VAL A 161 -3.62 -21.53 11.48
CA VAL A 161 -3.88 -21.09 12.85
C VAL A 161 -5.30 -21.51 13.22
N LEU A 162 -6.24 -21.23 12.30
CA LEU A 162 -7.66 -21.55 12.52
C LEU A 162 -7.85 -23.05 12.84
N GLY A 163 -7.12 -23.90 12.12
CA GLY A 163 -7.12 -25.35 12.38
C GLY A 163 -6.79 -25.69 13.82
N GLU A 164 -5.74 -25.05 14.36
CA GLU A 164 -5.37 -25.30 15.76
C GLU A 164 -6.41 -24.73 16.72
N ILE A 165 -6.92 -23.55 16.42
CA ILE A 165 -7.99 -23.01 17.27
C ILE A 165 -9.19 -23.96 17.31
N ARG A 166 -9.59 -24.46 16.14
CA ARG A 166 -10.82 -25.25 16.03
C ARG A 166 -10.76 -26.60 16.76
N LYS A 167 -9.55 -27.06 17.08
CA LYS A 167 -9.36 -28.34 17.77
C LYS A 167 -10.00 -28.28 19.17
N THR A 168 -9.87 -27.13 19.83
CA THR A 168 -10.38 -26.93 21.18
C THR A 168 -11.60 -25.99 21.24
N ASN A 169 -11.81 -25.20 20.19
CA ASN A 169 -12.90 -24.20 20.11
C ASN A 169 -13.62 -24.39 18.76
N PRO A 170 -14.46 -25.42 18.68
CA PRO A 170 -15.04 -25.75 17.36
C PRO A 170 -15.96 -24.68 16.76
N SER A 171 -16.58 -23.84 17.60
CA SER A 171 -17.58 -22.88 17.05
C SER A 171 -17.32 -21.41 17.39
N ARG A 172 -16.31 -21.14 18.22
CA ARG A 172 -16.04 -19.76 18.64
C ARG A 172 -15.80 -18.88 17.45
N ILE A 173 -16.34 -17.68 17.52
CA ILE A 173 -16.08 -16.73 16.44
C ILE A 173 -14.57 -16.44 16.31
N VAL A 174 -14.04 -16.51 15.08
CA VAL A 174 -12.66 -16.11 14.84
C VAL A 174 -12.71 -15.02 13.78
N ILE A 175 -12.04 -13.90 14.05
CA ILE A 175 -12.05 -12.73 13.17
C ILE A 175 -10.79 -12.78 12.31
N ILE A 176 -10.99 -12.67 11.00
CA ILE A 176 -9.94 -12.69 10.00
C ILE A 176 -9.70 -11.29 9.41
N ASP A 177 -8.50 -10.75 9.61
CA ASP A 177 -8.16 -9.42 9.08
C ASP A 177 -7.84 -9.45 7.60
N VAL A 178 -8.30 -8.41 6.96
CA VAL A 178 -7.89 -8.06 5.58
C VAL A 178 -6.38 -7.77 5.61
N PRO A 179 -5.65 -8.22 4.55
CA PRO A 179 -4.18 -8.05 4.53
C PRO A 179 -3.80 -6.62 4.12
N ASN A 180 -2.50 -6.36 3.89
CA ASN A 180 -1.99 -5.02 3.57
C ASN A 180 -2.52 -3.95 4.53
N TRP A 181 -2.22 -4.19 5.80
CA TRP A 181 -2.65 -3.27 6.88
C TRP A 181 -4.16 -3.21 7.07
N SER A 182 -4.90 -4.16 6.49
CA SER A 182 -6.36 -4.18 6.64
C SER A 182 -7.04 -2.96 5.97
N ASN A 183 -6.37 -2.43 4.96
CA ASN A 183 -6.94 -1.33 4.19
C ASN A 183 -8.11 -1.86 3.32
N TYR A 184 -9.20 -1.09 3.29
CA TYR A 184 -10.48 -1.53 2.70
C TYR A 184 -10.28 -2.08 1.30
N SER A 185 -9.35 -1.53 0.52
CA SER A 185 -9.28 -1.87 -0.89
C SER A 185 -8.69 -3.25 -1.12
N TYR A 186 -8.07 -3.83 -0.10
CA TYR A 186 -7.44 -5.14 -0.28
C TYR A 186 -8.37 -6.28 0.10
N VAL A 187 -9.63 -5.96 0.35
CA VAL A 187 -10.60 -6.99 0.72
C VAL A 187 -10.65 -8.12 -0.34
N ARG A 188 -10.49 -7.77 -1.63
CA ARG A 188 -10.61 -8.76 -2.68
C ARG A 188 -9.44 -9.72 -2.70
N GLU A 189 -8.37 -9.44 -1.95
CA GLU A 189 -7.21 -10.33 -1.97
C GLU A 189 -7.39 -11.42 -0.96
N LEU A 190 -8.36 -11.26 -0.06
CA LEU A 190 -8.54 -12.25 1.02
C LEU A 190 -9.26 -13.47 0.49
N LYS A 191 -8.69 -14.67 0.72
CA LYS A 191 -9.33 -15.95 0.36
C LYS A 191 -9.94 -16.57 1.62
N LEU A 192 -11.24 -16.84 1.58
CA LEU A 192 -11.93 -17.37 2.76
C LEU A 192 -11.76 -18.89 2.87
N VAL A 193 -12.28 -19.47 3.92
CA VAL A 193 -12.30 -20.93 4.07
C VAL A 193 -13.74 -21.28 4.41
N ASP A 194 -14.08 -22.55 4.32
CA ASP A 194 -15.44 -22.98 4.57
C ASP A 194 -15.63 -23.12 6.06
N ASP A 195 -15.88 -22.02 6.74
CA ASP A 195 -16.09 -22.04 8.19
C ASP A 195 -17.21 -21.06 8.40
N LYS A 196 -18.23 -21.52 9.14
CA LYS A 196 -19.43 -20.72 9.42
C LYS A 196 -19.32 -19.80 10.62
N ASN A 197 -18.18 -19.82 11.31
CA ASN A 197 -18.07 -18.97 12.47
C ASN A 197 -16.89 -18.03 12.30
N ILE A 198 -16.74 -17.42 11.11
CA ILE A 198 -15.74 -16.38 10.92
C ILE A 198 -16.39 -15.01 10.63
N ILE A 199 -15.65 -13.95 10.95
CA ILE A 199 -16.03 -12.59 10.58
C ILE A 199 -14.81 -11.96 9.95
N VAL A 200 -15.02 -11.14 8.92
CA VAL A 200 -13.85 -10.51 8.28
C VAL A 200 -13.78 -9.10 8.81
N SER A 201 -12.56 -8.61 9.04
CA SER A 201 -12.41 -7.24 9.55
C SER A 201 -11.48 -6.37 8.71
N PHE A 202 -11.87 -5.10 8.51
CA PHE A 202 -10.94 -4.11 7.89
C PHE A 202 -10.81 -2.93 8.82
N HIS A 203 -9.80 -2.13 8.62
CA HIS A 203 -9.60 -0.92 9.40
C HIS A 203 -9.71 0.28 8.49
N TYR A 204 -10.23 1.38 9.03
CA TYR A 204 -10.51 2.53 8.21
C TYR A 204 -9.91 3.80 8.77
N TYR A 205 -8.99 4.38 8.00
CA TYR A 205 -8.32 5.63 8.35
C TYR A 205 -8.17 6.60 7.17
N GLU A 206 -9.01 6.46 6.15
CA GLU A 206 -8.99 7.41 5.04
C GLU A 206 -9.81 8.64 5.34
N PRO A 207 -9.35 9.81 4.86
CA PRO A 207 -8.08 10.14 4.18
C PRO A 207 -6.94 10.03 5.18
N PHE A 208 -5.90 9.24 4.87
CA PHE A 208 -4.82 8.99 5.81
C PHE A 208 -4.10 10.29 6.19
N ASN A 209 -4.04 11.23 5.23
CA ASN A 209 -3.39 12.50 5.55
C ASN A 209 -4.25 13.36 6.47
N PHE A 210 -5.53 12.98 6.63
CA PHE A 210 -6.37 13.59 7.65
C PHE A 210 -6.26 12.88 9.00
N THR A 211 -6.45 11.55 9.01
CA THR A 211 -6.54 10.87 10.29
C THR A 211 -5.16 10.74 10.95
N HIS A 212 -4.09 10.85 10.15
CA HIS A 212 -2.75 10.68 10.74
C HIS A 212 -1.90 11.92 10.62
N GLN A 213 -2.52 13.09 10.37
CA GLN A 213 -1.73 14.34 10.32
C GLN A 213 -1.03 14.54 11.66
N GLY A 214 0.23 14.93 11.57
CA GLY A 214 1.00 15.20 12.79
C GLY A 214 1.48 14.00 13.61
N ALA A 215 1.09 12.80 13.22
CA ALA A 215 1.51 11.57 13.90
C ALA A 215 3.00 11.36 13.62
N GLU A 216 3.83 11.44 14.66
CA GLU A 216 5.29 11.40 14.47
C GLU A 216 5.84 10.04 14.08
N TRP A 217 5.10 8.97 14.36
CA TRP A 217 5.51 7.63 13.96
C TRP A 217 5.37 7.32 12.46
N VAL A 218 4.77 8.23 11.71
CA VAL A 218 4.56 7.99 10.27
C VAL A 218 5.73 8.66 9.58
N SER A 219 6.22 8.04 8.52
CA SER A 219 7.41 8.54 7.83
C SER A 219 7.11 8.80 6.33
N PRO A 220 7.15 10.05 5.87
CA PRO A 220 7.47 11.33 6.52
C PRO A 220 6.31 11.75 7.43
N THR A 221 6.62 12.50 8.49
CA THR A 221 5.54 13.08 9.29
C THR A 221 4.69 13.93 8.35
N LEU A 222 3.37 13.76 8.44
CA LEU A 222 2.42 14.46 7.56
C LEU A 222 2.01 15.80 8.13
N PRO A 223 1.85 16.81 7.23
CA PRO A 223 1.48 18.16 7.64
C PRO A 223 0.19 18.22 8.46
N ILE A 224 0.14 19.10 9.44
CA ILE A 224 -1.12 19.37 10.15
C ILE A 224 -1.97 20.47 9.48
N GLY A 225 -3.11 20.78 10.08
CA GLY A 225 -4.07 21.72 9.52
C GLY A 225 -4.96 21.17 8.43
N VAL A 226 -4.96 19.84 8.23
CA VAL A 226 -5.77 19.24 7.18
C VAL A 226 -7.20 19.09 7.72
N LYS A 227 -8.20 19.66 7.02
CA LYS A 227 -9.56 19.58 7.52
C LYS A 227 -10.37 18.42 6.96
N TRP A 228 -11.49 18.13 7.61
CA TRP A 228 -12.46 17.23 7.03
C TRP A 228 -13.82 17.84 7.37
N GLU A 229 -14.58 18.25 6.36
CA GLU A 229 -15.70 19.18 6.58
C GLU A 229 -17.10 18.62 6.42
N GLY A 230 -17.17 17.33 6.11
CA GLY A 230 -18.47 16.71 5.89
C GLY A 230 -19.16 17.18 4.61
N LYS A 231 -18.39 17.69 3.65
CA LYS A 231 -18.97 18.03 2.35
C LYS A 231 -19.47 16.80 1.60
N ASP A 232 -20.43 16.99 0.69
CA ASP A 232 -20.93 15.86 -0.10
C ASP A 232 -19.83 14.97 -0.63
N TRP A 233 -18.82 15.55 -1.28
CA TRP A 233 -17.76 14.77 -1.93
C TRP A 233 -16.95 13.97 -0.94
N GLU A 234 -16.77 14.53 0.25
CA GLU A 234 -16.00 13.87 1.33
C GLU A 234 -16.74 12.65 1.88
N VAL A 235 -18.03 12.83 2.11
CA VAL A 235 -18.89 11.72 2.55
C VAL A 235 -18.98 10.59 1.49
N GLU A 236 -19.13 10.97 0.22
CA GLU A 236 -19.20 10.02 -0.87
C GLU A 236 -17.89 9.22 -1.00
N GLN A 237 -16.73 9.83 -0.73
CA GLN A 237 -15.48 9.03 -0.76
C GLN A 237 -15.57 7.85 0.19
N ILE A 238 -16.09 8.09 1.40
CA ILE A 238 -16.20 7.02 2.41
C ILE A 238 -17.27 6.00 1.99
N ARG A 239 -18.44 6.49 1.58
CA ARG A 239 -19.50 5.59 1.15
C ARG A 239 -19.00 4.65 0.02
N ASN A 240 -18.26 5.18 -0.95
CA ASN A 240 -17.76 4.40 -2.08
C ASN A 240 -16.85 3.30 -1.52
N HIS A 241 -15.96 3.68 -0.59
CA HIS A 241 -15.07 2.68 0.03
C HIS A 241 -15.85 1.54 0.74
N PHE A 242 -16.81 1.91 1.57
CA PHE A 242 -17.53 0.92 2.39
C PHE A 242 -18.46 0.08 1.52
N LYS A 243 -19.05 0.70 0.49
CA LYS A 243 -19.84 -0.07 -0.51
C LYS A 243 -19.00 -1.17 -1.19
N TYR A 244 -17.75 -0.86 -1.53
CA TYR A 244 -16.89 -1.85 -2.09
C TYR A 244 -16.75 -3.04 -1.14
N VAL A 245 -16.54 -2.77 0.16
CA VAL A 245 -16.39 -3.88 1.13
C VAL A 245 -17.71 -4.66 1.28
N SER A 246 -18.82 -3.92 1.34
CA SER A 246 -20.12 -4.52 1.47
C SER A 246 -20.44 -5.42 0.29
N GLU A 247 -20.20 -4.94 -0.94
CA GLU A 247 -20.48 -5.83 -2.07
C GLU A 247 -19.63 -7.12 -2.03
N TRP A 248 -18.36 -6.97 -1.67
CA TRP A 248 -17.50 -8.17 -1.51
C TRP A 248 -18.02 -9.12 -0.43
N ALA A 249 -18.36 -8.56 0.73
CA ALA A 249 -18.83 -9.40 1.84
C ALA A 249 -20.15 -10.14 1.49
N LYS A 250 -21.05 -9.45 0.80
CA LYS A 250 -22.30 -10.11 0.42
C LYS A 250 -22.01 -11.26 -0.56
N LYS A 251 -21.08 -10.99 -1.51
CA LYS A 251 -20.75 -12.02 -2.50
C LYS A 251 -20.12 -13.21 -1.81
N ASN A 252 -19.36 -12.94 -0.73
CA ASN A 252 -18.60 -14.00 -0.04
C ASN A 252 -19.28 -14.53 1.25
N ASN A 253 -20.54 -14.07 1.42
CA ASN A 253 -21.41 -14.59 2.46
C ASN A 253 -20.76 -14.52 3.84
N VAL A 254 -20.17 -13.38 4.14
CA VAL A 254 -19.43 -13.23 5.42
C VAL A 254 -19.76 -11.87 6.06
N PRO A 255 -19.86 -11.81 7.42
CA PRO A 255 -20.12 -10.49 8.03
C PRO A 255 -18.83 -9.69 8.15
N ILE A 256 -18.98 -8.37 8.35
CA ILE A 256 -17.85 -7.46 8.39
C ILE A 256 -17.84 -6.68 9.72
N PHE A 257 -16.66 -6.62 10.36
CA PHE A 257 -16.38 -5.78 11.54
C PHE A 257 -15.36 -4.73 11.15
N LEU A 258 -15.73 -3.47 11.33
CA LEU A 258 -14.77 -2.39 11.13
C LEU A 258 -14.00 -2.29 12.46
N GLY A 259 -12.82 -2.95 12.52
CA GLY A 259 -12.16 -3.17 13.81
C GLY A 259 -11.41 -2.01 14.37
N GLU A 260 -11.01 -1.09 13.49
CA GLU A 260 -10.45 0.15 14.00
C GLU A 260 -10.92 1.25 13.10
N PHE A 261 -11.19 2.39 13.72
CA PHE A 261 -11.37 3.65 13.00
C PHE A 261 -11.15 4.83 13.93
N GLY A 262 -10.44 5.87 13.47
CA GLY A 262 -10.25 7.03 14.38
C GLY A 262 -9.37 8.09 13.76
N ALA A 263 -9.44 9.32 14.30
CA ALA A 263 -8.60 10.42 13.82
C ALA A 263 -7.73 10.90 14.98
N TYR A 264 -6.44 11.04 14.71
CA TYR A 264 -5.46 11.45 15.71
C TYR A 264 -5.79 12.86 16.24
N SER A 265 -5.41 13.10 17.51
CA SER A 265 -5.76 14.39 18.18
C SER A 265 -5.06 15.62 17.64
N LYS A 266 -4.06 15.45 16.77
CA LYS A 266 -3.49 16.66 16.11
C LYS A 266 -4.38 17.26 14.99
N ALA A 267 -5.39 16.48 14.55
CA ALA A 267 -6.48 16.96 13.71
C ALA A 267 -7.38 17.89 14.53
N ASP A 268 -7.98 18.89 13.89
CA ASP A 268 -8.81 19.81 14.66
C ASP A 268 -10.08 19.07 15.14
N GLU A 270 -13.37 19.68 15.52
CA GLU A 270 -14.63 19.62 14.74
C GLU A 270 -14.50 18.66 13.57
N SER A 271 -13.38 18.74 12.84
CA SER A 271 -13.11 17.71 11.82
C SER A 271 -13.16 16.28 12.35
N ARG A 272 -12.55 16.02 13.49
CA ARG A 272 -12.53 14.69 14.08
C ARG A 272 -13.95 14.21 14.36
N VAL A 273 -14.74 15.13 14.90
CA VAL A 273 -16.11 14.83 15.32
C VAL A 273 -16.97 14.48 14.10
N LYS A 274 -16.86 15.31 13.04
CA LYS A 274 -17.59 15.07 11.78
C LYS A 274 -17.16 13.76 11.07
N TRP A 275 -15.84 13.55 10.97
CA TRP A 275 -15.31 12.34 10.30
C TRP A 275 -15.76 11.10 11.07
N THR A 276 -15.63 11.13 12.40
CA THR A 276 -15.94 9.95 13.19
C THR A 276 -17.41 9.57 13.07
N LYS A 277 -18.26 10.61 13.10
CA LYS A 277 -19.69 10.40 13.01
C LYS A 277 -20.07 9.83 11.66
N THR A 278 -19.45 10.34 10.59
CA THR A 278 -19.76 9.91 9.23
C THR A 278 -19.33 8.45 9.02
N VAL A 279 -18.14 8.12 9.48
CA VAL A 279 -17.69 6.72 9.40
C VAL A 279 -18.62 5.81 10.17
N ARG A 280 -18.97 6.17 11.41
CA ARG A 280 -19.91 5.37 12.19
C ARG A 280 -21.27 5.16 11.45
N ARG A 281 -21.86 6.25 10.94
CA ARG A 281 -23.16 6.14 10.25
C ARG A 281 -23.07 5.26 9.02
N ILE A 282 -21.98 5.37 8.26
CA ILE A 282 -21.86 4.59 7.02
C ILE A 282 -21.58 3.11 7.32
N ALA A 283 -20.81 2.86 8.38
CA ALA A 283 -20.66 1.46 8.82
C ALA A 283 -22.03 0.90 9.24
N GLU A 284 -22.85 1.71 9.93
CA GLU A 284 -24.16 1.21 10.37
C GLU A 284 -25.02 0.90 9.12
N GLU A 285 -24.94 1.79 8.12
CA GLU A 285 -25.78 1.67 6.93
C GLU A 285 -25.48 0.38 6.17
N PHE A 286 -24.20 -0.04 6.19
CA PHE A 286 -23.86 -1.29 5.54
C PHE A 286 -23.90 -2.51 6.45
N GLY A 287 -24.37 -2.36 7.71
CA GLY A 287 -24.50 -3.54 8.56
C GLY A 287 -23.18 -4.04 9.12
N PHE A 288 -22.19 -3.14 9.16
CA PHE A 288 -20.89 -3.48 9.75
C PHE A 288 -20.91 -3.22 11.26
N SER A 289 -20.43 -4.15 12.05
CA SER A 289 -20.13 -3.82 13.43
C SER A 289 -18.88 -2.96 13.45
N LEU A 290 -18.54 -2.37 14.60
CA LEU A 290 -17.41 -1.41 14.57
C LEU A 290 -16.81 -1.21 15.95
N ALA A 291 -15.50 -0.91 15.97
CA ALA A 291 -14.73 -0.61 17.21
C ALA A 291 -13.90 0.67 16.93
N TYR A 292 -14.13 1.73 17.70
CA TYR A 292 -13.33 2.93 17.53
C TYR A 292 -11.91 2.71 18.09
N TRP A 293 -10.91 3.26 17.43
CA TRP A 293 -9.52 3.28 17.94
C TRP A 293 -9.31 4.70 18.52
N GLU A 294 -9.19 4.91 19.85
CA GLU A 294 -9.15 3.87 20.90
C GLU A 294 -9.67 4.53 22.19
N PHE A 295 -9.67 3.78 23.29
CA PHE A 295 -10.16 4.28 24.58
C PHE A 295 -9.42 5.52 25.06
N CYS A 296 -8.09 5.49 25.02
CA CYS A 296 -7.27 6.59 25.59
C CYS A 296 -6.00 6.80 24.73
N ALA A 297 -5.04 7.58 25.17
CA ALA A 297 -3.88 7.90 24.34
C ALA A 297 -4.27 8.83 23.16
N GLY A 298 -3.43 8.85 22.10
CA GLY A 298 -3.51 9.92 21.04
C GLY A 298 -4.78 10.00 20.23
N PHE A 299 -5.51 8.88 20.13
CA PHE A 299 -6.80 8.87 19.42
C PHE A 299 -7.97 8.79 20.44
N GLY A 300 -7.69 9.06 21.69
CA GLY A 300 -8.56 8.62 22.82
C GLY A 300 -9.89 9.31 22.97
N LEU A 301 -10.91 8.55 23.38
CA LEU A 301 -12.21 9.13 23.76
C LEU A 301 -12.34 9.51 25.22
N TYR A 302 -11.53 8.87 26.05
CA TYR A 302 -11.67 9.03 27.48
C TYR A 302 -10.48 9.77 28.05
N ASP A 303 -10.76 10.87 28.75
CA ASP A 303 -9.72 11.66 29.39
C ASP A 303 -9.44 11.06 30.77
N ARG A 304 -8.32 10.34 30.92
CA ARG A 304 -8.05 9.63 32.16
C ARG A 304 -7.85 10.58 33.33
N TRP A 305 -7.40 11.81 33.04
CA TRP A 305 -7.05 12.74 34.12
C TRP A 305 -8.34 13.28 34.74
N THR A 306 -9.27 13.70 33.87
CA THR A 306 -10.52 14.26 34.34
C THR A 306 -11.55 13.13 34.64
N LYS A 307 -11.23 11.91 34.18
CA LYS A 307 -12.14 10.77 34.33
C LYS A 307 -13.51 11.09 33.69
N THR A 308 -13.43 11.64 32.48
CA THR A 308 -14.62 12.00 31.70
C THR A 308 -14.41 11.69 30.23
N TRP A 309 -15.52 11.42 29.55
CA TRP A 309 -15.49 11.26 28.10
C TRP A 309 -15.39 12.61 27.35
N ILE A 310 -14.58 12.63 26.30
CA ILE A 310 -14.48 13.79 25.43
C ILE A 310 -15.73 13.79 24.58
N GLU A 311 -16.45 14.91 24.64
CA GLU A 311 -17.71 15.05 23.92
C GLU A 311 -17.67 16.30 23.07
N PRO A 312 -18.34 16.26 21.90
CA PRO A 312 -19.14 15.16 21.36
C PRO A 312 -18.40 14.07 20.57
N LEU A 313 -17.06 14.06 20.63
CA LEU A 313 -16.33 13.00 19.93
C LEU A 313 -16.84 11.62 20.30
N THR A 314 -17.08 11.39 21.60
CA THR A 314 -17.51 10.04 22.05
C THR A 314 -18.84 9.69 21.45
N THR A 315 -19.75 10.67 21.47
CA THR A 315 -21.06 10.47 20.82
C THR A 315 -20.92 10.21 19.32
N SER A 316 -19.97 10.89 18.68
CA SER A 316 -19.66 10.54 17.25
C SER A 316 -19.29 9.09 17.02
N ALA A 317 -18.50 8.53 17.93
CA ALA A 317 -18.05 7.13 17.78
C ALA A 317 -19.12 6.11 18.13
N LEU A 318 -19.98 6.48 19.07
CA LEU A 318 -20.94 5.53 19.66
C LEU A 318 -22.35 5.67 19.11
N GLY A 319 -22.74 6.91 18.82
CA GLY A 319 -24.06 7.18 18.24
C GLY A 319 -25.16 7.41 19.24
N LYS A 320 -24.79 7.44 20.53
CA LYS A 320 -25.73 7.77 21.60
C LYS A 320 -24.97 8.37 22.80
N ASP B 9 35.51 17.41 -11.15
CA ASP B 9 35.17 16.03 -10.67
C ASP B 9 33.77 16.09 -10.12
N LYS B 10 32.86 15.36 -10.78
CA LYS B 10 31.42 15.22 -10.47
C LYS B 10 31.11 13.71 -10.50
N SER B 11 30.03 13.29 -9.86
CA SER B 11 29.60 11.90 -9.94
C SER B 11 28.96 11.55 -11.31
N SER B 12 29.50 10.52 -11.96
CA SER B 12 29.02 10.10 -13.26
C SER B 12 27.52 9.83 -13.29
N ALA B 13 27.01 9.07 -12.29
CA ALA B 13 25.59 8.72 -12.24
C ALA B 13 24.73 9.99 -12.22
N PHE B 14 25.20 11.02 -11.48
CA PHE B 14 24.41 12.24 -11.38
C PHE B 14 24.43 12.99 -12.69
N GLU B 15 25.55 12.92 -13.43
CA GLU B 15 25.59 13.55 -14.76
C GLU B 15 24.69 12.83 -15.77
N TYR B 16 24.69 11.50 -15.74
CA TYR B 16 23.77 10.77 -16.59
C TYR B 16 22.32 11.06 -16.21
N ASN B 17 22.03 11.17 -14.90
CA ASN B 17 20.64 11.42 -14.51
C ASN B 17 20.19 12.78 -15.09
N LYS B 18 21.10 13.75 -15.10
CA LYS B 18 20.73 15.04 -15.68
C LYS B 18 20.45 14.93 -17.19
N ILE B 20 18.76 12.53 -18.52
CA ILE B 20 17.34 12.16 -18.65
C ILE B 20 16.49 13.42 -18.76
N GLY B 21 16.85 14.41 -17.95
CA GLY B 21 16.18 15.71 -18.01
C GLY B 21 14.70 15.60 -17.85
N HIS B 22 13.98 16.22 -18.79
CA HIS B 22 12.54 16.10 -18.90
C HIS B 22 12.17 15.15 -20.04
N GLY B 23 11.62 14.00 -19.69
CA GLY B 23 11.28 13.00 -20.69
C GLY B 23 9.80 12.65 -20.66
N ILE B 24 9.48 11.65 -21.49
CA ILE B 24 8.10 11.20 -21.66
C ILE B 24 8.05 9.73 -21.78
N ASN B 25 6.98 9.12 -21.21
CA ASN B 25 6.78 7.68 -21.41
C ASN B 25 6.05 7.36 -22.70
N GLY B 27 3.95 4.97 -23.56
CA GLY B 27 3.13 3.98 -22.86
C GLY B 27 2.08 3.33 -23.73
N ASN B 28 1.54 2.22 -23.19
CA ASN B 28 0.39 1.51 -23.74
C ASN B 28 0.69 0.76 -25.03
N ALA B 29 1.98 0.51 -25.28
CA ALA B 29 2.41 0.02 -26.57
C ALA B 29 3.14 -1.31 -26.43
N LEU B 30 4.48 -1.28 -26.27
CA LEU B 30 5.24 -2.52 -26.16
C LEU B 30 4.98 -3.26 -24.82
N GLU B 31 4.30 -2.65 -23.87
CA GLU B 31 3.95 -3.42 -22.66
C GLU B 31 2.55 -4.02 -22.68
N ALA B 32 1.82 -3.82 -23.78
CA ALA B 32 0.60 -4.60 -24.05
C ALA B 32 1.00 -6.01 -24.34
N PRO B 33 0.06 -6.97 -24.30
CA PRO B 33 0.48 -8.34 -24.59
C PRO B 33 1.05 -8.46 -26.01
N VAL B 34 0.44 -7.69 -26.92
CA VAL B 34 0.90 -7.55 -28.30
C VAL B 34 0.86 -6.06 -28.64
N GLU B 35 1.96 -5.53 -29.21
CA GLU B 35 1.98 -4.09 -29.43
C GLU B 35 0.82 -3.74 -30.37
N GLY B 36 0.04 -2.73 -29.96
CA GLY B 36 -1.14 -2.29 -30.73
C GLY B 36 -2.44 -2.77 -30.13
N SER B 37 -2.40 -3.82 -29.29
CA SER B 37 -3.63 -4.41 -28.81
C SER B 37 -4.35 -3.52 -27.80
N TRP B 38 -3.66 -2.48 -27.34
CA TRP B 38 -4.28 -1.48 -26.47
C TRP B 38 -4.54 -0.17 -27.18
N GLY B 39 -4.38 -0.16 -28.49
CA GLY B 39 -4.69 1.04 -29.26
C GLY B 39 -3.53 1.98 -29.57
N VAL B 40 -2.32 1.59 -29.15
CA VAL B 40 -1.14 2.39 -29.37
C VAL B 40 -0.08 1.55 -30.10
N TYR B 41 0.52 2.11 -31.14
CA TYR B 41 1.54 1.38 -31.89
C TYR B 41 2.59 2.43 -32.20
N ILE B 42 3.85 2.16 -31.86
CA ILE B 42 4.89 3.21 -31.95
C ILE B 42 5.27 3.46 -33.39
N GLU B 43 5.05 4.67 -33.85
CA GLU B 43 5.47 5.05 -35.19
C GLU B 43 6.81 5.72 -35.12
N ASP B 44 7.64 5.53 -36.16
CA ASP B 44 8.97 6.13 -36.19
C ASP B 44 8.86 7.61 -35.99
N GLU B 45 7.86 8.23 -36.61
CA GLU B 45 7.70 9.66 -36.50
C GLU B 45 7.52 10.19 -35.06
N TYR B 46 7.02 9.34 -34.17
CA TYR B 46 6.76 9.85 -32.86
C TYR B 46 8.04 10.38 -32.20
N PHE B 47 9.16 9.72 -32.47
CA PHE B 47 10.43 10.13 -31.83
C PHE B 47 10.91 11.50 -32.32
N LYS B 48 10.73 11.79 -33.63
CA LYS B 48 11.02 13.10 -34.19
C LYS B 48 10.11 14.14 -33.55
N ILE B 49 8.82 13.81 -33.38
CA ILE B 49 7.83 14.72 -32.77
C ILE B 49 8.15 15.03 -31.30
N ILE B 50 8.51 13.99 -30.56
CA ILE B 50 8.91 14.15 -29.15
C ILE B 50 10.16 15.05 -29.02
N LYS B 51 11.16 14.78 -29.88
CA LYS B 51 12.41 15.57 -29.79
C LYS B 51 12.11 17.00 -30.19
N GLU B 52 11.33 17.17 -31.25
CA GLU B 52 11.05 18.51 -31.75
C GLU B 52 10.38 19.37 -30.68
N ARG B 53 9.52 18.75 -29.86
CA ARG B 53 8.80 19.49 -28.82
C ARG B 53 9.70 19.97 -27.68
N GLY B 54 10.81 19.26 -27.47
CA GLY B 54 11.83 19.71 -26.52
C GLY B 54 12.12 18.69 -25.43
N PHE B 55 11.52 17.51 -25.54
CA PHE B 55 11.85 16.48 -24.57
C PHE B 55 13.28 16.01 -24.74
N ASP B 56 13.91 15.62 -23.62
CA ASP B 56 15.27 15.06 -23.66
C ASP B 56 15.37 13.54 -23.81
N SER B 57 14.34 12.85 -23.38
CA SER B 57 14.45 11.39 -23.19
C SER B 57 13.08 10.75 -23.37
N VAL B 58 13.11 9.44 -23.64
CA VAL B 58 11.86 8.69 -23.69
C VAL B 58 12.06 7.38 -22.93
N ARG B 59 11.05 7.01 -22.16
CA ARG B 59 11.08 5.75 -21.42
C ARG B 59 10.10 4.85 -22.11
N ILE B 60 10.52 3.60 -22.34
CA ILE B 60 9.71 2.70 -23.15
C ILE B 60 9.39 1.44 -22.36
N PRO B 61 8.15 1.34 -21.84
CA PRO B 61 7.71 0.08 -21.21
C PRO B 61 7.70 -1.11 -22.18
N ILE B 62 8.24 -2.26 -21.77
CA ILE B 62 8.34 -3.39 -22.66
C ILE B 62 7.94 -4.62 -21.88
N ARG B 63 6.91 -5.33 -22.36
CA ARG B 63 6.54 -6.58 -21.77
C ARG B 63 7.32 -7.77 -22.36
N TRP B 64 8.59 -7.91 -22.01
CA TRP B 64 9.41 -9.02 -22.53
C TRP B 64 8.83 -10.38 -22.24
N SER B 65 8.12 -10.48 -21.12
CA SER B 65 7.71 -11.83 -20.67
C SER B 65 6.64 -12.44 -21.57
N ALA B 66 6.04 -11.62 -22.42
CA ALA B 66 4.98 -12.07 -23.37
C ALA B 66 5.61 -12.54 -24.69
N HIS B 67 6.95 -12.52 -24.76
CA HIS B 67 7.66 -12.82 -26.02
C HIS B 67 8.89 -13.69 -25.81
N ILE B 68 8.75 -14.70 -24.96
CA ILE B 68 9.85 -15.61 -24.71
C ILE B 68 9.40 -17.05 -24.86
N SER B 69 10.38 -17.94 -25.04
CA SER B 69 10.15 -19.37 -25.05
C SER B 69 9.66 -19.82 -23.65
N GLU B 70 8.89 -20.90 -23.61
CA GLU B 70 8.44 -21.42 -22.33
C GLU B 70 9.51 -22.33 -21.71
N LYS B 71 10.48 -22.76 -22.50
CA LYS B 71 11.55 -23.61 -21.99
C LYS B 71 12.71 -22.72 -21.56
N TYR B 72 13.34 -23.06 -20.44
CA TYR B 72 14.67 -22.52 -20.08
C TYR B 72 15.61 -22.68 -21.28
N PRO B 73 16.46 -21.67 -21.56
CA PRO B 73 16.65 -20.42 -20.86
C PRO B 73 15.77 -19.23 -21.34
N TYR B 74 14.56 -19.51 -21.82
CA TYR B 74 13.54 -18.48 -22.11
C TYR B 74 14.00 -17.47 -23.18
N GLU B 75 14.42 -18.02 -24.32
CA GLU B 75 14.91 -17.25 -25.43
C GLU B 75 13.83 -16.26 -25.86
N ILE B 76 14.25 -15.02 -26.06
CA ILE B 76 13.34 -14.00 -26.54
C ILE B 76 13.05 -14.24 -28.05
N ASP B 77 11.78 -14.04 -28.45
CA ASP B 77 11.40 -14.22 -29.84
C ASP B 77 12.18 -13.21 -30.69
N LYS B 78 12.83 -13.69 -31.76
CA LYS B 78 13.69 -12.86 -32.57
C LYS B 78 12.93 -11.66 -33.16
N PHE B 79 11.72 -11.89 -33.64
CA PHE B 79 10.94 -10.77 -34.19
C PHE B 79 10.72 -9.66 -33.15
N PHE B 80 10.48 -10.05 -31.88
CA PHE B 80 10.21 -9.05 -30.83
C PHE B 80 11.50 -8.30 -30.46
N LEU B 81 12.62 -9.05 -30.33
CA LEU B 81 13.90 -8.41 -30.06
C LEU B 81 14.23 -7.42 -31.19
N ASP B 82 13.93 -7.80 -32.43
CA ASP B 82 14.23 -6.95 -33.60
C ASP B 82 13.39 -5.68 -33.57
N ARG B 83 12.15 -5.80 -33.09
CA ARG B 83 11.26 -4.65 -33.03
C ARG B 83 11.78 -3.71 -31.93
N VAL B 84 12.23 -4.28 -30.80
CA VAL B 84 12.73 -3.38 -29.77
C VAL B 84 14.00 -2.63 -30.27
N LYS B 85 14.87 -3.37 -30.92
CA LYS B 85 16.10 -2.78 -31.43
C LYS B 85 15.73 -1.65 -32.39
N HIS B 86 14.75 -1.91 -33.26
CA HIS B 86 14.30 -0.87 -34.20
C HIS B 86 13.86 0.41 -33.48
N VAL B 87 12.98 0.25 -32.49
CA VAL B 87 12.42 1.41 -31.80
C VAL B 87 13.56 2.18 -31.13
N VAL B 88 14.45 1.46 -30.46
CA VAL B 88 15.60 2.09 -29.80
C VAL B 88 16.49 2.84 -30.83
N ASP B 89 16.76 2.19 -31.97
CA ASP B 89 17.55 2.86 -33.00
C ASP B 89 16.91 4.18 -33.43
N VAL B 90 15.59 4.18 -33.64
CA VAL B 90 14.95 5.41 -34.12
C VAL B 90 14.99 6.50 -33.05
N ALA B 91 14.78 6.10 -31.79
CA ALA B 91 14.84 7.00 -30.66
C ALA B 91 16.23 7.67 -30.63
N LEU B 92 17.30 6.86 -30.74
CA LEU B 92 18.68 7.39 -30.69
C LEU B 92 18.96 8.28 -31.88
N LYS B 93 18.44 7.92 -33.06
CA LYS B 93 18.63 8.72 -34.30
C LYS B 93 18.11 10.14 -34.08
N ASN B 94 17.07 10.24 -33.24
CA ASN B 94 16.41 11.51 -32.97
C ASN B 94 17.00 12.17 -31.74
N ASP B 95 18.20 11.74 -31.36
CA ASP B 95 18.96 12.38 -30.27
C ASP B 95 18.19 12.45 -28.93
N LEU B 96 17.45 11.37 -28.67
CA LEU B 96 16.80 11.20 -27.37
C LEU B 96 17.61 10.25 -26.51
N VAL B 97 17.68 10.51 -25.20
CA VAL B 97 18.18 9.50 -24.28
C VAL B 97 17.07 8.44 -24.16
N VAL B 98 17.41 7.14 -24.09
CA VAL B 98 16.34 6.13 -24.20
C VAL B 98 16.47 5.23 -22.98
N ILE B 99 15.34 4.93 -22.35
CA ILE B 99 15.37 3.96 -21.25
C ILE B 99 14.46 2.83 -21.61
N ILE B 100 15.02 1.61 -21.59
CA ILE B 100 14.16 0.43 -21.77
C ILE B 100 14.01 -0.34 -20.45
N ASN B 101 12.82 -0.87 -20.22
CA ASN B 101 12.66 -1.65 -19.02
C ASN B 101 12.07 -3.05 -19.31
N CYS B 102 11.69 -3.74 -18.22
CA CYS B 102 10.77 -4.86 -18.24
C CYS B 102 9.55 -4.37 -17.50
N HIS B 103 8.37 -4.65 -18.01
CA HIS B 103 7.13 -4.04 -17.49
C HIS B 103 6.00 -5.05 -17.65
N HIS B 104 5.07 -5.01 -16.70
CA HIS B 104 3.89 -5.91 -16.72
C HIS B 104 4.24 -7.39 -16.82
N PHE B 105 5.03 -7.90 -15.87
CA PHE B 105 5.37 -9.32 -15.84
C PHE B 105 4.45 -9.88 -14.73
N GLU B 106 3.22 -10.26 -15.10
CA GLU B 106 2.21 -10.59 -14.09
C GLU B 106 2.62 -11.76 -13.18
N GLU B 107 3.26 -12.76 -13.78
CA GLU B 107 3.68 -13.91 -13.01
C GLU B 107 4.76 -13.58 -11.96
N LEU B 108 5.59 -12.58 -12.25
CA LEU B 108 6.62 -12.25 -11.29
C LEU B 108 5.99 -11.60 -10.02
N TYR B 109 4.92 -10.82 -10.22
CA TYR B 109 4.18 -10.28 -9.08
C TYR B 109 3.58 -11.33 -8.18
N GLN B 110 3.20 -12.47 -8.74
CA GLN B 110 2.48 -13.47 -7.98
C GLN B 110 3.41 -14.50 -7.41
N ALA B 111 4.44 -14.84 -8.17
CA ALA B 111 5.35 -15.92 -7.74
C ALA B 111 6.83 -15.57 -8.06
N PRO B 112 7.39 -14.60 -7.33
CA PRO B 112 8.75 -14.14 -7.62
C PRO B 112 9.81 -15.27 -7.40
N ASP B 113 9.59 -16.24 -6.53
CA ASP B 113 10.65 -17.23 -6.41
C ASP B 113 10.75 -18.06 -7.69
N LYS B 114 9.63 -18.21 -8.40
CA LYS B 114 9.65 -19.01 -9.63
C LYS B 114 10.07 -18.16 -10.83
N TYR B 115 9.56 -16.93 -10.84
CA TYR B 115 9.74 -16.10 -12.00
C TYR B 115 10.90 -15.12 -11.96
N GLY B 116 11.43 -14.84 -10.78
CA GLY B 116 12.69 -14.08 -10.68
C GLY B 116 13.78 -14.57 -11.63
N PRO B 117 14.06 -15.89 -11.61
CA PRO B 117 15.02 -16.44 -12.52
C PRO B 117 14.69 -16.18 -13.97
N VAL B 118 13.39 -16.08 -14.33
CA VAL B 118 13.02 -15.71 -15.72
C VAL B 118 13.42 -14.27 -16.06
N LEU B 119 13.17 -13.35 -15.13
CA LEU B 119 13.60 -12.00 -15.34
C LEU B 119 15.10 -11.92 -15.51
N VAL B 120 15.84 -12.70 -14.70
CA VAL B 120 17.32 -12.72 -14.85
C VAL B 120 17.69 -13.18 -16.27
N GLU B 121 17.05 -14.24 -16.78
CA GLU B 121 17.37 -14.74 -18.12
C GLU B 121 16.96 -13.71 -19.21
N ILE B 122 15.85 -12.98 -19.00
CA ILE B 122 15.48 -11.94 -19.96
C ILE B 122 16.55 -10.87 -20.07
N TRP B 123 16.99 -10.35 -18.92
CA TRP B 123 18.00 -9.31 -18.94
C TRP B 123 19.35 -9.80 -19.38
N LYS B 124 19.67 -11.07 -19.12
CA LYS B 124 20.93 -11.60 -19.69
C LYS B 124 20.93 -11.34 -21.21
N GLN B 125 19.82 -11.71 -21.84
CA GLN B 125 19.70 -11.62 -23.28
C GLN B 125 19.59 -10.17 -23.75
N VAL B 126 18.81 -9.38 -23.05
CA VAL B 126 18.62 -7.99 -23.47
C VAL B 126 19.95 -7.25 -23.31
N ALA B 127 20.65 -7.50 -22.20
CA ALA B 127 21.93 -6.82 -22.03
C ALA B 127 22.91 -7.25 -23.17
N GLN B 128 22.91 -8.55 -23.54
CA GLN B 128 23.79 -9.04 -24.59
C GLN B 128 23.46 -8.38 -25.93
N ALA B 129 22.17 -8.30 -26.26
CA ALA B 129 21.73 -7.68 -27.53
C ALA B 129 22.13 -6.20 -27.65
N PHE B 130 22.07 -5.47 -26.53
CA PHE B 130 22.29 -4.03 -26.51
C PHE B 130 23.69 -3.63 -25.97
N LYS B 131 24.61 -4.60 -25.82
CA LYS B 131 25.88 -4.32 -25.14
C LYS B 131 26.70 -3.21 -25.78
N ASP B 132 26.61 -3.09 -27.11
CA ASP B 132 27.47 -2.16 -27.83
C ASP B 132 26.75 -0.85 -28.15
N TYR B 133 25.53 -0.70 -27.66
CA TYR B 133 24.76 0.54 -27.91
C TYR B 133 25.42 1.70 -27.16
N PRO B 134 25.22 2.93 -27.66
CA PRO B 134 25.76 4.14 -27.04
C PRO B 134 25.29 4.28 -25.59
N ASP B 135 26.04 5.02 -24.78
CA ASP B 135 25.70 5.17 -23.35
C ASP B 135 24.47 6.05 -23.12
N LYS B 136 23.85 6.57 -24.19
CA LYS B 136 22.56 7.28 -24.08
C LYS B 136 21.36 6.30 -23.97
N LEU B 137 21.64 5.00 -24.12
CA LEU B 137 20.66 3.96 -23.82
C LEU B 137 20.86 3.49 -22.37
N PHE B 138 19.81 3.55 -21.52
CA PHE B 138 19.88 3.13 -20.12
C PHE B 138 18.99 1.90 -19.99
N PHE B 139 19.25 1.05 -18.97
CA PHE B 139 18.37 -0.07 -18.68
C PHE B 139 17.56 0.20 -17.42
N GLU B 140 16.39 -0.40 -17.33
CA GLU B 140 15.59 -0.36 -16.05
C GLU B 140 15.16 -1.80 -15.77
N ILE B 141 15.56 -2.36 -14.62
CA ILE B 141 15.39 -3.80 -14.49
C ILE B 141 13.89 -4.18 -14.44
N PHE B 142 13.09 -3.44 -13.64
CA PHE B 142 11.69 -3.82 -13.58
C PHE B 142 10.91 -2.62 -13.17
N ASN B 143 9.78 -2.42 -13.84
CA ASN B 143 8.83 -1.36 -13.48
C ASN B 143 7.98 -1.79 -12.25
N GLU B 144 7.99 -0.96 -11.19
CA GLU B 144 7.00 -1.05 -10.11
C GLU B 144 6.88 -2.47 -9.42
N PRO B 145 7.98 -2.94 -8.81
CA PRO B 145 7.88 -4.15 -7.95
C PRO B 145 6.70 -3.98 -6.97
N ALA B 146 5.95 -5.04 -6.77
CA ALA B 146 4.75 -4.94 -5.95
C ALA B 146 4.23 -6.32 -5.66
N GLN B 147 3.18 -6.40 -4.83
CA GLN B 147 2.52 -7.66 -4.53
C GLN B 147 3.46 -8.63 -3.87
N ASN B 148 3.59 -9.86 -4.38
CA ASN B 148 4.49 -10.79 -3.73
C ASN B 148 5.96 -10.50 -3.95
N LEU B 149 6.28 -9.65 -4.93
CA LEU B 149 7.63 -9.13 -5.07
C LEU B 149 7.80 -8.00 -4.03
N THR B 150 7.94 -8.43 -2.76
CA THR B 150 7.99 -7.50 -1.64
C THR B 150 9.30 -6.67 -1.73
N PRO B 151 9.39 -5.60 -0.91
CA PRO B 151 10.70 -4.97 -0.76
C PRO B 151 11.84 -5.96 -0.50
N THR B 152 11.66 -6.88 0.44
CA THR B 152 12.69 -7.87 0.71
C THR B 152 13.05 -8.65 -0.55
N LYS B 153 12.03 -9.23 -1.20
CA LYS B 153 12.32 -10.04 -2.41
C LYS B 153 12.93 -9.20 -3.55
N TRP B 154 12.47 -7.94 -3.73
CA TRP B 154 13.10 -7.10 -4.77
C TRP B 154 14.57 -6.82 -4.45
N ASN B 155 14.86 -6.51 -3.19
CA ASN B 155 16.25 -6.31 -2.79
C ASN B 155 17.14 -7.53 -3.03
N GLU B 156 16.55 -8.71 -2.98
CA GLU B 156 17.30 -9.96 -3.24
C GLU B 156 17.44 -10.17 -4.76
N LEU B 157 16.37 -9.90 -5.51
CA LEU B 157 16.35 -10.22 -6.90
C LEU B 157 17.09 -9.22 -7.74
N TYR B 158 16.80 -7.93 -7.55
CA TYR B 158 17.40 -6.98 -8.51
C TYR B 158 18.91 -7.05 -8.61
N PRO B 159 19.66 -7.26 -7.49
CA PRO B 159 21.14 -7.49 -7.66
C PRO B 159 21.57 -8.68 -8.52
N LYS B 160 20.73 -9.70 -8.57
CA LYS B 160 21.06 -10.89 -9.38
C LYS B 160 20.91 -10.50 -10.84
N VAL B 161 19.86 -9.72 -11.13
CA VAL B 161 19.68 -9.28 -12.52
C VAL B 161 20.83 -8.35 -12.86
N LEU B 162 21.17 -7.44 -11.95
CA LEU B 162 22.21 -6.42 -12.23
C LEU B 162 23.55 -7.10 -12.53
N GLY B 163 23.84 -8.18 -11.79
CA GLY B 163 25.07 -8.96 -12.03
C GLY B 163 25.12 -9.47 -13.46
N GLU B 164 23.98 -9.96 -13.97
CA GLU B 164 23.98 -10.48 -15.34
C GLU B 164 24.13 -9.35 -16.35
N ILE B 165 23.46 -8.23 -16.13
CA ILE B 165 23.68 -7.08 -17.02
C ILE B 165 25.16 -6.69 -17.04
N ARG B 166 25.76 -6.59 -15.86
CA ARG B 166 27.15 -6.05 -15.76
C ARG B 166 28.22 -6.93 -16.43
N LYS B 167 27.91 -8.21 -16.68
CA LYS B 167 28.87 -9.09 -17.40
C LYS B 167 29.16 -8.53 -18.81
N THR B 168 28.13 -7.99 -19.46
CA THR B 168 28.27 -7.50 -20.82
C THR B 168 28.20 -5.95 -20.87
N ASN B 169 27.66 -5.32 -19.83
CA ASN B 169 27.48 -3.83 -19.80
C ASN B 169 28.04 -3.29 -18.49
N PRO B 170 29.36 -3.12 -18.43
CA PRO B 170 29.94 -2.88 -17.10
C PRO B 170 29.64 -1.50 -16.49
N SER B 171 29.30 -0.51 -17.32
CA SER B 171 29.06 0.83 -16.76
C SER B 171 27.77 1.50 -17.21
N ARG B 172 26.99 0.82 -18.06
CA ARG B 172 25.72 1.40 -18.51
C ARG B 172 24.82 1.70 -17.33
N ILE B 173 24.14 2.85 -17.40
CA ILE B 173 23.21 3.21 -16.33
C ILE B 173 22.12 2.15 -16.23
N VAL B 174 21.83 1.73 -14.97
CA VAL B 174 20.69 0.87 -14.62
C VAL B 174 19.84 1.55 -13.56
N ILE B 175 18.54 1.62 -13.85
CA ILE B 175 17.55 2.25 -12.99
C ILE B 175 16.84 1.20 -12.15
N ILE B 176 16.81 1.49 -10.85
CA ILE B 176 16.29 0.56 -9.84
C ILE B 176 15.04 1.17 -9.28
N ASP B 177 13.88 0.55 -9.57
CA ASP B 177 12.61 1.10 -9.07
C ASP B 177 12.42 0.88 -7.58
N VAL B 178 11.81 1.86 -6.93
CA VAL B 178 11.29 1.67 -5.58
C VAL B 178 10.20 0.56 -5.56
N PRO B 179 10.15 -0.22 -4.48
CA PRO B 179 9.09 -1.21 -4.38
C PRO B 179 7.69 -0.65 -4.05
N ASN B 180 6.77 -1.60 -3.86
CA ASN B 180 5.38 -1.29 -3.54
C ASN B 180 4.81 -0.27 -4.53
N TRP B 181 4.91 -0.60 -5.83
CA TRP B 181 4.39 0.21 -6.97
C TRP B 181 5.14 1.53 -7.12
N SER B 182 6.32 1.60 -6.50
CA SER B 182 7.23 2.74 -6.67
C SER B 182 6.67 3.99 -6.01
N ASN B 183 5.85 3.78 -4.98
CA ASN B 183 5.24 4.91 -4.22
C ASN B 183 6.34 5.59 -3.40
N TYR B 184 6.28 6.92 -3.29
CA TYR B 184 7.42 7.68 -2.75
C TYR B 184 7.76 7.21 -1.32
N SER B 185 6.74 6.80 -0.53
CA SER B 185 6.95 6.56 0.88
C SER B 185 7.77 5.27 1.10
N TYR B 186 7.90 4.43 0.07
CA TYR B 186 8.61 3.16 0.26
C TYR B 186 10.09 3.22 -0.08
N VAL B 187 10.60 4.42 -0.35
CA VAL B 187 11.98 4.59 -0.76
C VAL B 187 12.92 4.02 0.33
N ARG B 188 12.53 4.17 1.60
CA ARG B 188 13.32 3.71 2.75
C ARG B 188 13.50 2.19 2.79
N GLU B 189 12.62 1.45 2.09
CA GLU B 189 12.71 -0.01 2.08
C GLU B 189 13.70 -0.52 1.05
N LEU B 190 14.17 0.32 0.12
CA LEU B 190 15.08 -0.14 -0.94
C LEU B 190 16.49 -0.23 -0.39
N LYS B 191 17.14 -1.38 -0.57
CA LYS B 191 18.56 -1.60 -0.15
C LYS B 191 19.41 -1.47 -1.41
N LEU B 192 20.42 -0.61 -1.38
CA LEU B 192 21.22 -0.37 -2.58
C LEU B 192 22.33 -1.41 -2.64
N VAL B 193 23.10 -1.38 -3.70
CA VAL B 193 24.36 -2.14 -3.81
C VAL B 193 25.47 -1.16 -4.19
N ASP B 194 26.70 -1.66 -4.16
CA ASP B 194 27.84 -0.80 -4.37
C ASP B 194 28.13 -0.75 -5.86
N ASP B 195 27.41 0.12 -6.54
CA ASP B 195 27.51 0.24 -7.97
C ASP B 195 27.33 1.71 -8.23
N LYS B 196 28.27 2.30 -8.95
CA LYS B 196 28.27 3.75 -9.17
C LYS B 196 27.55 4.15 -10.45
N ASN B 197 26.89 3.20 -11.11
CA ASN B 197 26.15 3.52 -12.32
C ASN B 197 24.70 3.08 -12.15
N ILE B 198 24.13 3.45 -11.01
CA ILE B 198 22.69 3.21 -10.78
C ILE B 198 21.94 4.50 -10.45
N ILE B 199 20.69 4.54 -10.89
CA ILE B 199 19.80 5.62 -10.55
C ILE B 199 18.57 4.98 -9.93
N VAL B 200 18.03 5.61 -8.89
CA VAL B 200 16.80 5.07 -8.25
C VAL B 200 15.58 5.79 -8.76
N SER B 201 14.46 5.09 -8.91
CA SER B 201 13.27 5.73 -9.53
C SER B 201 12.03 5.48 -8.68
N PHE B 202 11.23 6.54 -8.54
CA PHE B 202 9.88 6.40 -8.00
C PHE B 202 8.88 7.02 -8.98
N HIS B 203 7.62 6.69 -8.79
CA HIS B 203 6.55 7.17 -9.63
C HIS B 203 5.63 7.99 -8.75
N TYR B 204 5.03 9.05 -9.28
CA TYR B 204 4.25 9.88 -8.38
C TYR B 204 2.86 10.15 -8.93
N TYR B 205 1.84 9.73 -8.18
CA TYR B 205 0.46 9.88 -8.58
C TYR B 205 -0.44 10.40 -7.43
N GLU B 206 0.15 11.15 -6.51
CA GLU B 206 -0.62 11.59 -5.38
C GLU B 206 -1.19 12.99 -5.63
N PRO B 207 -2.42 13.29 -5.14
CA PRO B 207 -3.37 12.35 -4.49
C PRO B 207 -3.92 11.36 -5.50
N PHE B 208 -3.91 10.08 -5.14
CA PHE B 208 -4.34 9.05 -6.06
C PHE B 208 -5.81 9.21 -6.43
N ASN B 209 -6.64 9.74 -5.49
CA ASN B 209 -8.06 9.93 -5.84
C ASN B 209 -8.26 11.11 -6.76
N PHE B 210 -7.21 11.94 -6.93
CA PHE B 210 -7.17 12.95 -8.00
C PHE B 210 -6.66 12.42 -9.36
N THR B 211 -5.44 11.87 -9.38
CA THR B 211 -4.83 11.52 -10.65
C THR B 211 -5.54 10.32 -11.28
N HIS B 212 -6.26 9.53 -10.46
CA HIS B 212 -6.88 8.30 -11.00
C HIS B 212 -8.39 8.32 -10.84
N GLN B 213 -8.98 9.51 -10.63
CA GLN B 213 -10.45 9.58 -10.60
C GLN B 213 -11.02 9.08 -11.92
N GLY B 214 -12.06 8.26 -11.81
CA GLY B 214 -12.72 7.80 -13.04
C GLY B 214 -12.03 6.68 -13.80
N ALA B 215 -10.83 6.30 -13.38
CA ALA B 215 -10.05 5.28 -14.08
C ALA B 215 -10.73 3.93 -13.82
N GLU B 216 -11.23 3.30 -14.86
CA GLU B 216 -12.06 2.10 -14.67
C GLU B 216 -11.27 0.86 -14.29
N TRP B 217 -9.94 0.89 -14.45
CA TRP B 217 -9.13 -0.28 -14.08
C TRP B 217 -8.77 -0.31 -12.59
N VAL B 218 -9.21 0.72 -11.86
CA VAL B 218 -8.99 0.81 -10.40
C VAL B 218 -10.20 0.22 -9.71
N SER B 219 -9.96 -0.49 -8.63
CA SER B 219 -11.05 -1.20 -7.95
C SER B 219 -11.10 -0.75 -6.47
N PRO B 220 -12.17 -0.07 -6.03
CA PRO B 220 -13.38 0.37 -6.71
C PRO B 220 -13.05 1.55 -7.63
N THR B 221 -13.85 1.80 -8.66
CA THR B 221 -13.50 2.99 -9.44
C THR B 221 -13.86 4.21 -8.61
N LEU B 222 -12.99 5.21 -8.69
CA LEU B 222 -13.02 6.36 -7.79
C LEU B 222 -13.86 7.47 -8.41
N PRO B 223 -14.62 8.21 -7.56
CA PRO B 223 -15.48 9.29 -8.03
C PRO B 223 -14.76 10.33 -8.87
N ILE B 224 -15.43 10.89 -9.86
CA ILE B 224 -14.87 12.04 -10.61
C ILE B 224 -15.28 13.39 -9.97
N GLY B 225 -14.85 14.50 -10.58
CA GLY B 225 -15.13 15.80 -10.00
C GLY B 225 -14.18 16.25 -8.92
N VAL B 226 -13.08 15.51 -8.75
CA VAL B 226 -12.16 15.81 -7.65
C VAL B 226 -11.18 16.84 -8.19
N LYS B 227 -11.06 17.97 -7.50
CA LYS B 227 -10.22 19.03 -7.99
C LYS B 227 -8.81 19.02 -7.38
N TRP B 228 -7.88 19.64 -8.09
CA TRP B 228 -6.58 20.01 -7.55
C TRP B 228 -6.30 21.49 -7.92
N GLU B 229 -6.16 22.34 -6.90
CA GLU B 229 -6.31 23.80 -7.11
C GLU B 229 -5.06 24.65 -6.93
N GLY B 230 -3.96 24.00 -6.55
CA GLY B 230 -2.70 24.72 -6.36
C GLY B 230 -2.72 25.58 -5.11
N LYS B 231 -3.56 25.20 -4.16
CA LYS B 231 -3.58 25.91 -2.87
C LYS B 231 -2.30 25.61 -2.11
N ASP B 232 -1.92 26.53 -1.22
CA ASP B 232 -0.71 26.28 -0.42
C ASP B 232 -0.59 24.86 0.14
N TRP B 233 -1.66 24.36 0.76
CA TRP B 233 -1.64 23.08 1.48
C TRP B 233 -1.44 21.95 0.49
N GLU B 234 -2.03 22.12 -0.69
CA GLU B 234 -1.88 21.11 -1.76
C GLU B 234 -0.47 21.07 -2.32
N VAL B 235 0.14 22.24 -2.51
CA VAL B 235 1.55 22.26 -2.95
C VAL B 235 2.48 21.68 -1.87
N GLU B 236 2.22 22.03 -0.61
CA GLU B 236 3.05 21.51 0.49
C GLU B 236 2.97 20.00 0.65
N GLN B 237 1.80 19.38 0.39
CA GLN B 237 1.77 17.89 0.39
C GLN B 237 2.77 17.31 -0.57
N ILE B 238 2.86 17.86 -1.78
CA ILE B 238 3.81 17.34 -2.78
C ILE B 238 5.24 17.63 -2.32
N ARG B 239 5.49 18.84 -1.86
CA ARG B 239 6.85 19.21 -1.47
C ARG B 239 7.33 18.27 -0.33
N ASN B 240 6.46 17.98 0.63
CA ASN B 240 6.79 17.12 1.76
C ASN B 240 7.16 15.73 1.29
N HIS B 241 6.40 15.20 0.31
CA HIS B 241 6.69 13.84 -0.18
C HIS B 241 8.05 13.84 -0.92
N PHE B 242 8.26 14.82 -1.78
CA PHE B 242 9.50 14.86 -2.60
C PHE B 242 10.72 15.15 -1.70
N LYS B 243 10.53 16.00 -0.69
CA LYS B 243 11.63 16.26 0.25
C LYS B 243 12.08 14.98 0.93
N TYR B 244 11.10 14.13 1.31
CA TYR B 244 11.39 12.82 1.90
C TYR B 244 12.29 11.98 1.01
N VAL B 245 11.92 11.92 -0.28
CA VAL B 245 12.72 11.18 -1.24
C VAL B 245 14.12 11.79 -1.36
N SER B 246 14.16 13.12 -1.44
CA SER B 246 15.45 13.81 -1.63
C SER B 246 16.38 13.55 -0.44
N GLU B 247 15.85 13.60 0.79
CA GLU B 247 16.73 13.39 1.93
C GLU B 247 17.27 11.96 1.91
N TRP B 248 16.42 11.01 1.53
CA TRP B 248 16.90 9.62 1.47
C TRP B 248 17.96 9.49 0.37
N ALA B 249 17.71 10.10 -0.81
CA ALA B 249 18.68 9.99 -1.90
C ALA B 249 20.06 10.58 -1.53
N LYS B 250 20.04 11.72 -0.85
CA LYS B 250 21.29 12.38 -0.48
C LYS B 250 22.00 11.53 0.56
N LYS B 251 21.23 10.93 1.49
CA LYS B 251 21.88 10.06 2.50
C LYS B 251 22.50 8.83 1.86
N ASN B 252 21.85 8.37 0.79
CA ASN B 252 22.27 7.13 0.11
C ASN B 252 23.11 7.36 -1.16
N ASN B 253 23.50 8.63 -1.36
CA ASN B 253 24.43 8.99 -2.46
C ASN B 253 23.99 8.46 -3.80
N VAL B 254 22.71 8.62 -4.11
CA VAL B 254 22.20 8.10 -5.41
C VAL B 254 21.27 9.15 -6.05
N PRO B 255 21.27 9.24 -7.40
CA PRO B 255 20.43 10.20 -8.10
C PRO B 255 18.99 9.67 -8.18
N ILE B 256 18.01 10.56 -8.40
CA ILE B 256 16.64 10.13 -8.47
C ILE B 256 16.03 10.49 -9.84
N PHE B 257 15.24 9.54 -10.38
CA PHE B 257 14.44 9.68 -11.60
C PHE B 257 12.98 9.51 -11.20
N LEU B 258 12.19 10.59 -11.35
CA LEU B 258 10.74 10.46 -11.18
C LEU B 258 10.24 9.83 -12.50
N GLY B 259 10.00 8.51 -12.51
CA GLY B 259 9.89 7.78 -13.83
C GLY B 259 8.54 7.92 -14.51
N GLU B 260 7.53 8.28 -13.70
CA GLU B 260 6.15 8.51 -14.15
C GLU B 260 5.46 9.51 -13.23
N PHE B 261 4.68 10.43 -13.81
CA PHE B 261 3.73 11.26 -13.09
C PHE B 261 2.74 11.68 -14.15
N GLY B 262 1.47 11.84 -13.74
CA GLY B 262 0.46 12.37 -14.68
C GLY B 262 -0.92 12.16 -14.07
N ALA B 263 -1.89 12.90 -14.59
CA ALA B 263 -3.26 12.80 -14.12
C ALA B 263 -4.13 12.37 -15.28
N TYR B 264 -5.06 11.46 -14.97
CA TYR B 264 -5.90 10.89 -16.00
C TYR B 264 -6.87 11.94 -16.55
N SER B 265 -7.24 11.75 -17.82
CA SER B 265 -8.07 12.72 -18.57
C SER B 265 -9.47 12.90 -18.06
N LYS B 266 -9.98 12.04 -17.16
CA LYS B 266 -11.28 12.30 -16.50
C LYS B 266 -11.24 13.38 -15.40
N ALA B 267 -10.02 13.73 -14.93
CA ALA B 267 -9.84 14.92 -14.10
C ALA B 267 -10.05 16.18 -14.95
N ASP B 268 -10.55 17.24 -14.33
CA ASP B 268 -10.79 18.43 -15.11
C ASP B 268 -9.46 19.03 -15.60
N GLU B 270 -8.04 22.08 -16.04
CA GLU B 270 -7.26 23.07 -15.29
C GLU B 270 -6.53 22.38 -14.13
N SER B 271 -7.23 21.47 -13.45
CA SER B 271 -6.63 20.80 -12.29
C SER B 271 -5.44 20.00 -12.79
N ARG B 272 -5.59 19.35 -13.95
CA ARG B 272 -4.47 18.59 -14.47
C ARG B 272 -3.27 19.48 -14.80
N VAL B 273 -3.54 20.61 -15.45
CA VAL B 273 -2.48 21.52 -15.82
C VAL B 273 -1.73 22.02 -14.56
N LYS B 274 -2.47 22.39 -13.51
CA LYS B 274 -1.81 22.89 -12.26
C LYS B 274 -1.02 21.78 -11.52
N TRP B 275 -1.61 20.59 -11.45
CA TRP B 275 -0.98 19.53 -10.69
C TRP B 275 0.31 19.15 -11.39
N THR B 276 0.20 19.03 -12.72
CA THR B 276 1.33 18.60 -13.51
C THR B 276 2.51 19.58 -13.40
N LYS B 277 2.16 20.88 -13.51
CA LYS B 277 3.16 21.92 -13.42
C LYS B 277 3.86 21.88 -12.06
N THR B 278 3.07 21.71 -11.00
CA THR B 278 3.60 21.72 -9.63
C THR B 278 4.53 20.54 -9.43
N VAL B 279 4.12 19.37 -9.88
CA VAL B 279 5.02 18.21 -9.75
C VAL B 279 6.33 18.40 -10.52
N ARG B 280 6.23 18.92 -11.73
CA ARG B 280 7.42 19.20 -12.53
C ARG B 280 8.39 20.14 -11.77
N ARG B 281 7.84 21.27 -11.29
CA ARG B 281 8.66 22.29 -10.60
C ARG B 281 9.27 21.72 -9.31
N ILE B 282 8.54 20.89 -8.58
CA ILE B 282 9.11 20.34 -7.35
C ILE B 282 10.18 19.26 -7.63
N ALA B 283 9.94 18.42 -8.65
CA ALA B 283 11.02 17.51 -9.09
C ALA B 283 12.28 18.31 -9.46
N GLU B 284 12.11 19.39 -10.24
CA GLU B 284 13.25 20.24 -10.63
C GLU B 284 13.98 20.80 -9.41
N GLU B 285 13.20 21.29 -8.45
CA GLU B 285 13.71 21.90 -7.22
C GLU B 285 14.62 20.93 -6.48
N PHE B 286 14.24 19.65 -6.45
CA PHE B 286 15.07 18.68 -5.78
C PHE B 286 16.08 17.96 -6.66
N GLY B 287 16.22 18.38 -7.93
CA GLY B 287 17.28 17.79 -8.74
C GLY B 287 16.95 16.42 -9.29
N PHE B 288 15.65 16.14 -9.36
CA PHE B 288 15.18 14.86 -9.90
C PHE B 288 14.99 14.98 -11.42
N SER B 289 15.46 14.00 -12.18
CA SER B 289 15.04 13.83 -13.55
C SER B 289 13.59 13.38 -13.55
N LEU B 290 12.92 13.47 -14.71
CA LEU B 290 11.45 13.21 -14.66
C LEU B 290 10.91 12.82 -16.00
N ALA B 291 9.85 12.02 -16.00
CA ALA B 291 9.25 11.61 -17.30
C ALA B 291 7.80 11.46 -17.12
N TYR B 292 7.07 12.26 -17.92
CA TYR B 292 5.62 12.34 -17.85
C TYR B 292 4.99 11.01 -18.35
N TRP B 293 3.92 10.61 -17.66
CA TRP B 293 3.09 9.48 -18.13
C TRP B 293 1.78 10.06 -18.66
N GLU B 294 1.52 10.06 -20.00
CA GLU B 294 2.40 9.49 -21.03
C GLU B 294 2.19 10.20 -22.36
N PHE B 295 2.83 9.69 -23.40
CA PHE B 295 2.71 10.32 -24.74
C PHE B 295 1.28 10.47 -25.25
N CYS B 296 0.55 9.36 -25.31
CA CYS B 296 -0.79 9.38 -25.88
C CYS B 296 -1.71 8.47 -25.05
N ALA B 297 -2.95 8.29 -25.47
CA ALA B 297 -3.89 7.50 -24.64
C ALA B 297 -4.41 8.30 -23.44
N GLY B 298 -4.87 7.62 -22.38
CA GLY B 298 -5.69 8.25 -21.33
C GLY B 298 -5.06 9.38 -20.53
N PHE B 299 -3.74 9.34 -20.42
CA PHE B 299 -3.00 10.40 -19.75
C PHE B 299 -2.25 11.29 -20.79
N GLY B 300 -2.51 11.06 -22.07
CA GLY B 300 -1.69 11.59 -23.15
C GLY B 300 -1.55 13.10 -23.25
N LEU B 301 -0.36 13.50 -23.71
CA LEU B 301 -0.06 14.90 -24.02
C LEU B 301 -0.28 15.16 -25.48
N TYR B 302 -0.24 14.09 -26.28
CA TYR B 302 -0.25 14.31 -27.73
C TYR B 302 -1.52 13.74 -28.33
N ASP B 303 -2.23 14.59 -29.09
CA ASP B 303 -3.49 14.18 -29.72
C ASP B 303 -3.13 13.61 -31.11
N ARG B 304 -3.24 12.29 -31.24
CA ARG B 304 -2.78 11.61 -32.44
C ARG B 304 -3.64 11.94 -33.63
N TRP B 305 -4.90 12.24 -33.37
CA TRP B 305 -5.83 12.50 -34.48
C TRP B 305 -5.51 13.87 -35.10
N THR B 306 -5.36 14.89 -34.25
CA THR B 306 -5.08 16.23 -34.73
C THR B 306 -3.57 16.43 -35.01
N LYS B 307 -2.77 15.47 -34.53
CA LYS B 307 -1.30 15.53 -34.63
C LYS B 307 -0.78 16.83 -34.03
N THR B 308 -1.33 17.15 -32.84
CA THR B 308 -0.88 18.29 -32.08
C THR B 308 -0.76 17.99 -30.61
N TRP B 309 0.07 18.79 -29.94
CA TRP B 309 0.21 18.66 -28.49
C TRP B 309 -0.93 19.36 -27.77
N ILE B 310 -1.43 18.72 -26.71
CA ILE B 310 -2.44 19.31 -25.84
C ILE B 310 -1.77 20.36 -25.00
N GLU B 311 -2.31 21.58 -25.08
CA GLU B 311 -1.69 22.74 -24.41
C GLU B 311 -2.74 23.48 -23.59
N PRO B 312 -2.32 24.03 -22.43
CA PRO B 312 -0.94 24.07 -21.92
C PRO B 312 -0.48 22.86 -21.11
N LEU B 313 -1.26 21.79 -21.13
CA LEU B 313 -0.80 20.59 -20.39
C LEU B 313 0.63 20.11 -20.73
N THR B 314 0.97 20.12 -22.02
CA THR B 314 2.33 19.71 -22.45
C THR B 314 3.40 20.63 -21.87
N THR B 315 3.11 21.92 -21.86
CA THR B 315 4.04 22.85 -21.24
C THR B 315 4.15 22.63 -19.71
N SER B 316 3.04 22.26 -19.09
CA SER B 316 3.11 21.89 -17.66
C SER B 316 4.10 20.74 -17.41
N ALA B 317 4.08 19.74 -18.32
CA ALA B 317 4.95 18.55 -18.14
C ALA B 317 6.41 18.82 -18.43
N LEU B 318 6.65 19.70 -19.40
CA LEU B 318 7.99 19.91 -19.93
C LEU B 318 8.65 21.20 -19.44
N GLY B 319 7.87 22.26 -19.22
CA GLY B 319 8.42 23.50 -18.65
C GLY B 319 8.85 24.52 -19.67
N LYS B 320 8.61 24.19 -20.95
CA LYS B 320 8.90 25.07 -22.07
C LYS B 320 8.02 24.71 -23.27
N ALA C 1 -5.89 2.01 -2.64
CA ALA C 1 -4.42 1.80 -2.84
C ALA C 1 -3.96 0.41 -3.28
N ASN C 2 -4.80 -0.63 -3.15
CA ASN C 2 -4.55 -1.88 -3.92
C ASN C 2 -4.49 -1.48 -5.40
N GLU C 3 -3.49 -1.97 -6.12
CA GLU C 3 -3.37 -1.71 -7.58
C GLU C 3 -3.22 -3.04 -8.34
N ALA D 1 1.95 5.95 2.42
CA ALA D 1 1.15 4.75 2.82
C ALA D 1 1.97 3.57 3.29
N ASP D 2 3.30 3.63 3.14
CA ASP D 2 4.19 2.72 3.91
C ASP D 2 3.87 2.94 5.39
N GLN D 3 3.65 1.86 6.13
CA GLN D 3 3.38 1.95 7.59
C GLN D 3 4.31 1.01 8.35
#